data_4Q2V
#
_entry.id   4Q2V
#
_cell.length_a   68.197
_cell.length_b   68.197
_cell.length_c   133.270
_cell.angle_alpha   90.00
_cell.angle_beta   90.00
_cell.angle_gamma   90.00
#
_symmetry.space_group_name_H-M   'P 41 21 2'
#
loop_
_entity.id
_entity.type
_entity.pdbx_description
1 polymer Ricin
2 non-polymer '5,6-dihydroxy-4-oxo-2-phenyl-4H-chromen-7-yl beta-D-glucopyranosiduronic acid'
3 water water
#
_entity_poly.entity_id   1
_entity_poly.type   'polypeptide(L)'
_entity_poly.pdbx_seq_one_letter_code
;GPLGSIFPKQYPIINFTTAGATVQSYTNFIRAVRGRLTTGADVRHEIPVLPNRVGLPINQRFILVELSNHAELSVTLALD
VTNAYVVGYRAGNSAYFFHPDNQEDAEAITHLFTDVQNRYTFAFGGNYDRLEQLAGNLRENIELGNGPLEEAISALYYYS
TGGTQLPTLARSFIICIQMISEAARFQYIEGEMRTRIRYNRRSAPDPSVITLENSWGRLSTAIQESNQGAFASPIQLQRR
NGSKFSVYDVSILIPIIALMVYRCAPPPSSQFLERPHRD
;
_entity_poly.pdbx_strand_id   A
#
loop_
_chem_comp.id
_chem_comp.type
_chem_comp.name
_chem_comp.formula
0XE non-polymer '5,6-dihydroxy-4-oxo-2-phenyl-4H-chromen-7-yl beta-D-glucopyranosiduronic acid' 'C21 H18 O11'
#
# COMPACT_ATOMS: atom_id res chain seq x y z
N GLN A 10 4.63 16.99 -11.57
CA GLN A 10 3.23 17.18 -11.95
C GLN A 10 2.24 16.24 -11.23
N TYR A 11 2.73 15.12 -10.67
CA TYR A 11 1.87 14.26 -9.85
C TYR A 11 1.80 14.78 -8.41
N PRO A 12 0.62 14.64 -7.77
CA PRO A 12 0.41 15.13 -6.39
C PRO A 12 1.41 14.49 -5.43
N ILE A 13 1.85 15.24 -4.43
CA ILE A 13 2.83 14.75 -3.47
C ILE A 13 2.31 14.85 -2.04
N ILE A 14 2.35 13.74 -1.32
CA ILE A 14 2.07 13.72 0.10
C ILE A 14 3.39 13.49 0.85
N ASN A 15 3.65 14.30 1.87
CA ASN A 15 4.89 14.22 2.65
C ASN A 15 4.66 13.59 4.02
N PHE A 16 5.57 12.71 4.43
CA PHE A 16 5.49 12.12 5.78
C PHE A 16 6.89 11.89 6.33
N THR A 17 7.09 12.30 7.59
CA THR A 17 8.34 12.03 8.29
C THR A 17 8.10 11.01 9.39
N THR A 18 8.90 9.94 9.42
CA THR A 18 8.84 8.98 10.51
C THR A 18 9.46 9.51 11.77
N ALA A 19 10.32 10.50 11.66
CA ALA A 19 11.03 10.95 12.86
C ALA A 19 10.04 11.73 13.71
N GLY A 20 9.86 11.28 14.95
CA GLY A 20 8.90 11.88 15.85
C GLY A 20 7.45 11.70 15.41
N ALA A 21 7.19 10.72 14.56
CA ALA A 21 5.82 10.43 14.15
C ALA A 21 4.94 10.12 15.37
N THR A 22 3.67 10.52 15.29
CA THR A 22 2.68 10.27 16.34
C THR A 22 1.44 9.63 15.71
N VAL A 23 0.55 9.08 16.53
CA VAL A 23 -0.76 8.63 16.00
C VAL A 23 -1.36 9.73 15.08
N GLN A 24 -1.35 10.97 15.56
CA GLN A 24 -1.98 12.05 14.81
C GLN A 24 -1.29 12.34 13.48
N SER A 25 0.05 12.43 13.48
CA SER A 25 0.70 12.77 12.20
C SER A 25 0.60 11.60 11.22
N TYR A 26 0.61 10.38 11.73
CA TYR A 26 0.42 9.22 10.84
C TYR A 26 -1.02 9.17 10.29
N THR A 27 -2.00 9.36 11.17
CA THR A 27 -3.41 9.42 10.77
C THR A 27 -3.64 10.47 9.67
N ASN A 28 -3.11 11.68 9.87
CA ASN A 28 -3.25 12.75 8.89
C ASN A 28 -2.64 12.37 7.55
N PHE A 29 -1.51 11.66 7.62
CA PHE A 29 -0.78 11.23 6.43
C PHE A 29 -1.62 10.22 5.63
N ILE A 30 -2.16 9.22 6.33
CA ILE A 30 -2.96 8.19 5.65
C ILE A 30 -4.27 8.77 5.10
N ARG A 31 -4.90 9.69 5.85
CA ARG A 31 -6.11 10.35 5.33
C ARG A 31 -5.79 11.15 4.08
N ALA A 32 -4.64 11.82 4.08
CA ALA A 32 -4.23 12.60 2.90
C ALA A 32 -3.96 11.65 1.74
N VAL A 33 -3.34 10.52 2.01
CA VAL A 33 -3.10 9.53 0.95
C VAL A 33 -4.43 9.06 0.34
N ARG A 34 -5.34 8.60 1.18
CA ARG A 34 -6.67 8.23 0.70
C ARG A 34 -7.29 9.37 -0.13
N GLY A 35 -7.24 10.59 0.42
CA GLY A 35 -7.82 11.75 -0.22
C GLY A 35 -7.34 11.93 -1.65
N ARG A 36 -6.06 11.68 -1.87
CA ARG A 36 -5.49 11.79 -3.20
C ARG A 36 -5.78 10.60 -4.10
N LEU A 37 -6.07 9.45 -3.50
CA LEU A 37 -6.36 8.25 -4.29
C LEU A 37 -7.81 8.25 -4.78
N THR A 38 -8.70 8.93 -4.04
CA THR A 38 -10.13 8.88 -4.33
C THR A 38 -10.63 10.11 -5.10
N THR A 39 -11.95 10.31 -5.05
CA THR A 39 -12.65 11.18 -5.98
C THR A 39 -12.18 11.32 -7.44
N GLY A 40 -12.37 10.29 -8.28
CA GLY A 40 -12.94 8.98 -7.96
C GLY A 40 -14.14 8.85 -7.03
N ALA A 41 -15.11 9.76 -7.14
CA ALA A 41 -16.29 9.79 -6.26
C ALA A 41 -17.31 8.64 -6.48
N ASP A 42 -16.79 7.41 -6.60
CA ASP A 42 -17.65 6.24 -6.52
C ASP A 42 -17.57 5.68 -5.11
N VAL A 43 -18.71 5.67 -4.42
CA VAL A 43 -18.81 5.05 -3.11
C VAL A 43 -19.88 3.97 -3.21
N ARG A 44 -19.48 2.74 -2.92
CA ARG A 44 -20.41 1.60 -2.97
C ARG A 44 -20.58 1.02 -1.56
N HIS A 45 -21.75 1.27 -0.99
CA HIS A 45 -22.02 0.87 0.38
C HIS A 45 -21.09 1.60 1.35
N GLU A 46 -21.03 2.93 1.19
CA GLU A 46 -20.23 3.80 2.05
C GLU A 46 -18.73 3.57 1.94
N ILE A 47 -18.33 2.65 1.06
CA ILE A 47 -16.91 2.37 0.85
C ILE A 47 -16.47 2.90 -0.51
N PRO A 48 -15.57 3.88 -0.51
CA PRO A 48 -15.04 4.44 -1.77
C PRO A 48 -14.42 3.36 -2.66
N VAL A 49 -14.68 3.43 -3.97
CA VAL A 49 -14.04 2.58 -4.96
C VAL A 49 -12.95 3.38 -5.69
N LEU A 50 -11.78 2.79 -5.84
CA LEU A 50 -10.71 3.43 -6.60
C LEU A 50 -11.12 3.56 -8.07
N PRO A 51 -10.53 4.55 -8.78
CA PRO A 51 -10.82 4.75 -10.20
C PRO A 51 -10.52 3.49 -11.02
N ASN A 52 -11.43 3.14 -11.93
CA ASN A 52 -11.14 2.14 -12.97
C ASN A 52 -9.95 2.64 -13.80
N ARG A 53 -8.95 1.80 -14.00
CA ARG A 53 -7.79 2.19 -14.81
C ARG A 53 -8.20 2.46 -16.25
N VAL A 54 -9.10 1.64 -16.77
CA VAL A 54 -9.62 1.79 -18.14
C VAL A 54 -10.27 3.14 -18.35
N GLY A 55 -9.71 3.93 -19.27
CA GLY A 55 -10.20 5.26 -19.55
C GLY A 55 -9.61 6.33 -18.63
N LEU A 56 -8.67 5.91 -17.78
CA LEU A 56 -8.04 6.80 -16.82
C LEU A 56 -6.86 7.54 -17.46
N PRO A 57 -6.99 8.87 -17.58
CA PRO A 57 -5.89 9.70 -18.10
C PRO A 57 -4.63 9.47 -17.27
N ILE A 58 -3.49 9.29 -17.93
CA ILE A 58 -2.27 8.96 -17.22
C ILE A 58 -1.79 10.06 -16.26
N ASN A 59 -2.22 11.30 -16.49
CA ASN A 59 -1.91 12.40 -15.57
C ASN A 59 -2.60 12.25 -14.21
N GLN A 60 -3.51 11.29 -14.13
CA GLN A 60 -4.31 11.04 -12.93
C GLN A 60 -4.03 9.63 -12.37
N ARG A 61 -3.03 8.97 -12.95
CA ARG A 61 -2.74 7.57 -12.66
C ARG A 61 -1.98 7.35 -11.34
N PHE A 62 -1.12 8.31 -10.97
CA PHE A 62 -0.23 8.12 -9.83
C PHE A 62 -0.30 9.25 -8.83
N ILE A 63 0.11 8.94 -7.60
CA ILE A 63 0.44 9.97 -6.62
C ILE A 63 1.85 9.68 -6.06
N LEU A 64 2.47 10.71 -5.51
CA LEU A 64 3.82 10.57 -4.95
C LEU A 64 3.77 10.69 -3.44
N VAL A 65 4.45 9.78 -2.76
CA VAL A 65 4.56 9.81 -1.31
C VAL A 65 6.03 9.99 -0.95
N GLU A 66 6.37 11.16 -0.44
CA GLU A 66 7.75 11.48 -0.05
C GLU A 66 7.92 11.17 1.43
N LEU A 67 8.79 10.22 1.72
CA LEU A 67 9.08 9.81 3.08
C LEU A 67 10.46 10.33 3.44
N SER A 68 10.58 10.92 4.63
CA SER A 68 11.91 11.26 5.12
C SER A 68 12.03 10.73 6.55
N ASN A 69 13.24 10.61 7.06
CA ASN A 69 13.42 9.99 8.36
C ASN A 69 14.37 10.74 9.28
N HIS A 70 14.63 10.13 10.44
CA HIS A 70 15.47 10.75 11.47
C HIS A 70 16.90 10.98 10.97
N ALA A 71 17.31 10.18 10.00
CA ALA A 71 18.64 10.32 9.41
C ALA A 71 18.68 11.40 8.33
N GLU A 72 17.59 12.15 8.20
CA GLU A 72 17.43 13.21 7.16
C GLU A 72 17.53 12.66 5.74
N LEU A 73 17.19 11.38 5.56
CA LEU A 73 17.17 10.78 4.24
C LEU A 73 15.74 10.82 3.70
N SER A 74 15.61 10.90 2.39
CA SER A 74 14.30 11.07 1.77
C SER A 74 14.19 10.17 0.54
N VAL A 75 13.08 9.43 0.46
CA VAL A 75 12.75 8.68 -0.74
C VAL A 75 11.30 9.02 -1.10
N THR A 76 10.99 9.02 -2.38
CA THR A 76 9.64 9.30 -2.83
C THR A 76 9.08 8.06 -3.50
N LEU A 77 8.00 7.49 -2.94
CA LEU A 77 7.34 6.34 -3.54
C LEU A 77 6.28 6.76 -4.55
N ALA A 78 6.12 5.98 -5.62
CA ALA A 78 5.01 6.18 -6.56
C ALA A 78 3.90 5.16 -6.28
N LEU A 79 2.67 5.64 -6.09
CA LEU A 79 1.51 4.78 -5.88
C LEU A 79 0.53 4.80 -7.06
N ASP A 80 0.12 3.64 -7.52
CA ASP A 80 -0.89 3.52 -8.57
C ASP A 80 -2.26 3.85 -7.97
N VAL A 81 -2.93 4.89 -8.46
CA VAL A 81 -4.20 5.25 -7.83
C VAL A 81 -5.30 4.21 -8.04
N THR A 82 -5.11 3.28 -8.97
CA THR A 82 -6.15 2.30 -9.28
C THR A 82 -6.19 1.14 -8.26
N ASN A 83 -5.05 0.89 -7.61
CA ASN A 83 -4.96 -0.17 -6.59
C ASN A 83 -4.22 0.21 -5.28
N ALA A 84 -3.83 1.49 -5.17
CA ALA A 84 -3.11 2.05 -3.99
C ALA A 84 -1.72 1.48 -3.77
N TYR A 85 -1.20 0.78 -4.77
CA TYR A 85 0.03 0.01 -4.62
C TYR A 85 1.28 0.73 -5.11
N VAL A 86 2.42 0.41 -4.48
CA VAL A 86 3.72 0.98 -4.81
C VAL A 86 4.26 0.35 -6.08
N VAL A 87 4.59 1.19 -7.08
CA VAL A 87 5.09 0.69 -8.36
C VAL A 87 6.59 0.90 -8.45
N GLY A 88 7.11 1.82 -7.65
CA GLY A 88 8.53 2.11 -7.63
C GLY A 88 8.83 3.31 -6.75
N TYR A 89 10.08 3.78 -6.76
CA TYR A 89 10.48 4.92 -5.92
C TYR A 89 11.70 5.68 -6.44
N ARG A 90 11.84 6.94 -6.00
CA ARG A 90 13.03 7.74 -6.28
C ARG A 90 13.87 7.95 -5.01
N ALA A 91 15.19 7.85 -5.18
CA ALA A 91 16.16 8.24 -4.17
C ALA A 91 17.30 9.03 -4.83
N GLY A 92 17.33 10.34 -4.58
CA GLY A 92 18.36 11.16 -5.20
C GLY A 92 18.20 11.14 -6.71
N ASN A 93 19.24 10.70 -7.42
CA ASN A 93 19.26 10.76 -8.88
C ASN A 93 18.96 9.43 -9.57
N SER A 94 18.35 8.51 -8.82
CA SER A 94 17.95 7.21 -9.34
C SER A 94 16.48 6.91 -9.09
N ALA A 95 15.84 6.24 -10.04
CA ALA A 95 14.46 5.78 -9.90
C ALA A 95 14.44 4.28 -10.13
N TYR A 96 13.68 3.56 -9.32
CA TYR A 96 13.58 2.11 -9.44
C TYR A 96 12.12 1.69 -9.57
N PHE A 97 11.82 0.83 -10.54
CA PHE A 97 10.45 0.39 -10.78
C PHE A 97 10.33 -1.12 -10.67
N PHE A 98 9.22 -1.60 -10.11
CA PHE A 98 8.91 -3.02 -10.18
C PHE A 98 8.65 -3.40 -11.64
N HIS A 99 9.13 -4.59 -12.04
CA HIS A 99 8.84 -5.10 -13.38
C HIS A 99 7.33 -5.12 -13.54
N PRO A 100 6.80 -4.40 -14.55
CA PRO A 100 5.36 -4.39 -14.82
C PRO A 100 4.89 -5.75 -15.34
N ASP A 101 3.61 -5.87 -15.66
CA ASP A 101 3.09 -7.14 -16.18
C ASP A 101 1.87 -6.94 -17.09
N ASN A 102 1.75 -5.73 -17.63
CA ASN A 102 0.92 -5.47 -18.79
C ASN A 102 1.43 -4.20 -19.44
N GLN A 103 1.52 -4.22 -20.76
CA GLN A 103 2.17 -3.14 -21.48
C GLN A 103 1.57 -1.76 -21.21
N GLU A 104 0.34 -1.71 -20.71
CA GLU A 104 -0.26 -0.44 -20.29
C GLU A 104 0.46 0.15 -19.08
N ASP A 105 0.94 -0.73 -18.19
CA ASP A 105 1.74 -0.36 -17.02
C ASP A 105 3.05 0.27 -17.44
N ALA A 106 3.85 -0.50 -18.17
CA ALA A 106 5.09 -0.02 -18.77
C ALA A 106 4.88 1.34 -19.40
N GLU A 107 3.82 1.47 -20.19
CA GLU A 107 3.48 2.77 -20.75
C GLU A 107 3.37 3.82 -19.64
N ALA A 108 2.52 3.52 -18.67
CA ALA A 108 2.18 4.47 -17.61
C ALA A 108 3.38 4.94 -16.78
N ILE A 109 4.32 4.04 -16.50
CA ILE A 109 5.40 4.39 -15.57
C ILE A 109 6.50 5.25 -16.20
N THR A 110 6.55 5.32 -17.52
CA THR A 110 7.58 6.14 -18.18
C THR A 110 7.34 7.61 -17.90
N HIS A 111 6.12 7.94 -17.46
CA HIS A 111 5.78 9.31 -17.05
C HIS A 111 6.18 9.62 -15.60
N LEU A 112 6.80 8.66 -14.91
CA LEU A 112 7.18 8.83 -13.51
C LEU A 112 8.64 9.20 -13.36
N PHE A 113 8.92 10.23 -12.56
CA PHE A 113 10.31 10.59 -12.26
C PHE A 113 11.10 10.83 -13.55
N THR A 114 10.54 11.63 -14.46
CA THR A 114 11.13 11.79 -15.78
C THR A 114 12.44 12.61 -15.76
N ASP A 115 12.63 13.39 -14.70
CA ASP A 115 13.83 14.23 -14.59
C ASP A 115 15.08 13.46 -14.11
N VAL A 116 14.90 12.31 -13.47
CA VAL A 116 16.02 11.60 -12.86
C VAL A 116 17.01 11.09 -13.88
N GLN A 117 18.30 11.13 -13.53
CA GLN A 117 19.35 10.62 -14.41
C GLN A 117 19.16 9.14 -14.69
N ASN A 118 19.23 8.34 -13.63
CA ASN A 118 19.28 6.89 -13.75
C ASN A 118 17.96 6.23 -13.42
N ARG A 119 17.41 5.50 -14.38
CA ARG A 119 16.16 4.79 -14.19
C ARG A 119 16.35 3.29 -14.41
N TYR A 120 16.10 2.51 -13.36
CA TYR A 120 16.25 1.07 -13.43
C TYR A 120 14.92 0.37 -13.24
N THR A 121 14.75 -0.75 -13.93
CA THR A 121 13.59 -1.62 -13.71
C THR A 121 14.03 -2.90 -13.04
N PHE A 122 13.27 -3.34 -12.04
CA PHE A 122 13.60 -4.59 -11.36
C PHE A 122 13.26 -5.80 -12.21
N ALA A 123 14.01 -6.87 -12.02
CA ALA A 123 13.67 -8.16 -12.62
C ALA A 123 12.31 -8.61 -12.05
N PHE A 124 12.11 -8.38 -10.75
CA PHE A 124 10.93 -8.85 -10.02
C PHE A 124 9.75 -7.86 -9.96
N GLY A 125 8.58 -8.38 -9.59
CA GLY A 125 7.40 -7.55 -9.36
C GLY A 125 7.22 -7.21 -7.90
N GLY A 126 6.12 -6.52 -7.58
CA GLY A 126 5.91 -6.03 -6.23
C GLY A 126 5.12 -6.92 -5.29
N ASN A 127 4.60 -8.05 -5.79
CA ASN A 127 3.76 -8.91 -4.96
C ASN A 127 4.50 -9.53 -3.77
N TYR A 128 3.77 -9.72 -2.68
CA TYR A 128 4.35 -10.24 -1.45
C TYR A 128 5.09 -11.58 -1.63
N ASP A 129 4.65 -12.39 -2.59
CA ASP A 129 5.27 -13.70 -2.78
C ASP A 129 6.72 -13.54 -3.22
N ARG A 130 6.91 -12.87 -4.36
CA ARG A 130 8.25 -12.50 -4.84
C ARG A 130 9.08 -11.82 -3.74
N LEU A 131 8.53 -10.77 -3.13
CA LEU A 131 9.23 -10.05 -2.06
C LEU A 131 9.62 -10.91 -0.86
N GLU A 132 8.74 -11.81 -0.43
CA GLU A 132 9.03 -12.62 0.76
C GLU A 132 10.26 -13.54 0.58
N GLN A 133 10.35 -14.18 -0.58
CA GLN A 133 11.48 -15.06 -0.85
C GLN A 133 12.75 -14.22 -0.92
N LEU A 134 12.73 -13.20 -1.76
CA LEU A 134 13.80 -12.20 -1.81
C LEU A 134 14.29 -11.83 -0.42
N ALA A 135 13.37 -11.56 0.51
CA ALA A 135 13.76 -11.14 1.85
C ALA A 135 14.19 -12.31 2.74
N GLY A 136 13.82 -13.52 2.34
CA GLY A 136 14.11 -14.71 3.15
C GLY A 136 13.26 -14.76 4.41
N ASN A 137 12.20 -13.96 4.42
CA ASN A 137 11.28 -13.93 5.56
C ASN A 137 9.84 -13.75 5.07
N LEU A 138 8.89 -14.24 5.87
CA LEU A 138 7.47 -14.06 5.59
C LEU A 138 6.98 -12.78 6.26
N ARG A 139 5.89 -12.21 5.74
CA ARG A 139 5.27 -11.04 6.38
C ARG A 139 5.08 -11.25 7.88
N GLU A 140 4.63 -12.41 8.27
CA GLU A 140 4.43 -12.70 9.68
C GLU A 140 5.69 -12.70 10.51
N ASN A 141 6.85 -12.74 9.86
CA ASN A 141 8.10 -12.62 10.56
C ASN A 141 8.82 -11.28 10.36
N ILE A 142 8.18 -10.31 9.73
CA ILE A 142 8.80 -9.03 9.52
C ILE A 142 8.11 -7.98 10.35
N GLU A 143 8.81 -7.43 11.33
CA GLU A 143 8.26 -6.40 12.21
C GLU A 143 7.85 -5.14 11.48
N LEU A 144 6.74 -4.56 11.94
CA LEU A 144 6.24 -3.29 11.43
C LEU A 144 6.10 -2.30 12.59
N GLY A 145 6.11 -1.01 12.26
CA GLY A 145 6.15 0.02 13.28
C GLY A 145 6.97 1.18 12.79
N ASN A 146 7.07 2.22 13.62
CA ASN A 146 7.81 3.41 13.20
C ASN A 146 9.30 3.10 13.01
N GLY A 147 9.86 2.32 13.93
CA GLY A 147 11.26 1.92 13.82
C GLY A 147 11.56 1.23 12.49
N PRO A 148 10.83 0.14 12.19
CA PRO A 148 11.07 -0.55 10.91
C PRO A 148 10.88 0.36 9.68
N LEU A 149 9.95 1.31 9.77
CA LEU A 149 9.71 2.19 8.61
C LEU A 149 10.86 3.17 8.42
N GLU A 150 11.35 3.69 9.54
CA GLU A 150 12.52 4.55 9.60
C GLU A 150 13.74 3.87 8.95
N GLU A 151 13.94 2.59 9.28
CA GLU A 151 15.06 1.79 8.76
C GLU A 151 14.84 1.47 7.29
N ALA A 152 13.58 1.23 6.92
CA ALA A 152 13.20 0.90 5.55
C ALA A 152 13.55 2.07 4.62
N ILE A 153 13.36 3.29 5.11
CA ILE A 153 13.65 4.49 4.34
C ILE A 153 15.16 4.63 4.10
N SER A 154 15.97 4.39 5.13
CA SER A 154 17.43 4.42 4.95
C SER A 154 17.85 3.35 3.96
N ALA A 155 17.34 2.12 4.15
CA ALA A 155 17.65 1.01 3.25
C ALA A 155 17.34 1.34 1.79
N LEU A 156 16.14 1.87 1.53
CA LEU A 156 15.75 2.27 0.18
C LEU A 156 16.66 3.35 -0.37
N TYR A 157 17.08 4.29 0.49
CA TYR A 157 17.92 5.37 0.01
C TYR A 157 19.32 4.86 -0.37
N TYR A 158 19.90 4.06 0.51
CA TYR A 158 21.27 3.59 0.34
C TYR A 158 21.39 2.51 -0.71
N TYR A 159 20.27 2.11 -1.28
CA TYR A 159 20.33 1.17 -2.39
C TYR A 159 20.75 1.93 -3.63
N SER A 160 20.23 3.16 -3.76
CA SER A 160 20.63 4.05 -4.85
C SER A 160 22.13 4.39 -4.83
N THR A 161 22.84 3.97 -3.78
CA THR A 161 24.28 4.21 -3.65
C THR A 161 25.09 2.92 -3.51
N GLY A 162 24.41 1.77 -3.55
CA GLY A 162 25.09 0.47 -3.47
C GLY A 162 25.39 -0.05 -2.06
N GLY A 163 24.78 0.53 -1.04
CA GLY A 163 25.06 0.11 0.32
C GLY A 163 23.99 -0.77 0.95
N THR A 164 23.04 -1.22 0.14
CA THR A 164 21.90 -2.01 0.64
C THR A 164 21.77 -3.36 -0.08
N GLN A 165 21.80 -4.44 0.69
CA GLN A 165 21.64 -5.80 0.15
C GLN A 165 20.18 -6.00 -0.30
N LEU A 166 19.97 -6.71 -1.40
CA LEU A 166 18.63 -6.90 -1.97
C LEU A 166 17.55 -7.48 -1.03
N PRO A 167 17.92 -8.41 -0.14
CA PRO A 167 16.97 -8.97 0.84
C PRO A 167 16.56 -7.93 1.87
N THR A 168 17.45 -7.01 2.19
CA THR A 168 17.12 -5.88 3.03
C THR A 168 16.20 -4.92 2.28
N LEU A 169 16.51 -4.68 1.00
CA LEU A 169 15.61 -3.92 0.15
C LEU A 169 14.20 -4.54 0.15
N ALA A 170 14.12 -5.84 -0.09
CA ALA A 170 12.81 -6.52 -0.21
C ALA A 170 12.01 -6.35 1.07
N ARG A 171 12.67 -6.59 2.20
CA ARG A 171 12.09 -6.38 3.51
C ARG A 171 11.59 -4.94 3.65
N SER A 172 12.31 -4.00 3.02
CA SER A 172 11.98 -2.58 3.14
C SER A 172 10.70 -2.28 2.34
N PHE A 173 10.58 -2.89 1.16
CA PHE A 173 9.37 -2.76 0.39
C PHE A 173 8.18 -3.32 1.14
N ILE A 174 8.35 -4.49 1.74
CA ILE A 174 7.30 -5.14 2.51
C ILE A 174 6.79 -4.25 3.65
N ILE A 175 7.71 -3.61 4.35
CA ILE A 175 7.35 -2.71 5.45
C ILE A 175 6.57 -1.51 4.91
N CYS A 176 7.13 -0.84 3.89
CA CYS A 176 6.49 0.34 3.28
C CYS A 176 5.10 0.07 2.73
N ILE A 177 5.00 -0.98 1.91
CA ILE A 177 3.74 -1.30 1.23
C ILE A 177 2.65 -1.53 2.27
N GLN A 178 2.99 -2.23 3.34
CA GLN A 178 2.00 -2.50 4.39
C GLN A 178 1.64 -1.27 5.21
N MET A 179 2.63 -0.43 5.55
CA MET A 179 2.34 0.74 6.39
C MET A 179 1.76 1.92 5.62
N ILE A 180 1.85 1.87 4.28
CA ILE A 180 1.24 2.92 3.44
C ILE A 180 0.06 2.42 2.59
N SER A 181 0.33 1.51 1.67
CA SER A 181 -0.74 1.01 0.79
C SER A 181 -1.84 0.27 1.56
N GLU A 182 -1.46 -0.74 2.34
CA GLU A 182 -2.46 -1.55 3.05
C GLU A 182 -3.19 -0.71 4.10
N ALA A 183 -2.45 0.17 4.77
CA ALA A 183 -3.06 1.12 5.70
C ALA A 183 -4.07 2.07 5.03
N ALA A 184 -3.77 2.53 3.82
CA ALA A 184 -4.73 3.37 3.08
C ALA A 184 -5.96 2.54 2.72
N ARG A 185 -5.74 1.29 2.32
CA ARG A 185 -6.85 0.38 1.96
C ARG A 185 -7.75 -0.05 3.12
N PHE A 186 -7.17 -0.24 4.31
CA PHE A 186 -7.93 -0.74 5.45
C PHE A 186 -7.79 0.19 6.67
N GLN A 187 -8.89 0.75 7.19
CA GLN A 187 -8.81 1.47 8.47
C GLN A 187 -8.30 0.50 9.54
N TYR A 188 -8.58 -0.78 9.37
CA TYR A 188 -8.17 -1.75 10.38
C TYR A 188 -6.64 -1.85 10.46
N ILE A 189 -6.00 -1.85 9.29
CA ILE A 189 -4.54 -1.93 9.23
C ILE A 189 -3.93 -0.59 9.63
N GLU A 190 -4.54 0.51 9.18
CA GLU A 190 -4.17 1.81 9.70
C GLU A 190 -4.21 1.79 11.24
N GLY A 191 -5.27 1.22 11.81
CA GLY A 191 -5.44 1.14 13.26
C GLY A 191 -4.29 0.36 13.90
N GLU A 192 -3.92 -0.76 13.27
CA GLU A 192 -2.83 -1.62 13.73
C GLU A 192 -1.50 -0.86 13.78
N MET A 193 -1.29 0.01 12.81
CA MET A 193 -0.06 0.78 12.73
C MET A 193 -0.09 1.96 13.69
N ARG A 194 -1.25 2.60 13.83
CA ARG A 194 -1.38 3.67 14.81
C ARG A 194 -1.02 3.14 16.18
N THR A 195 -1.43 1.91 16.48
CA THR A 195 -1.22 1.35 17.81
C THR A 195 0.28 1.13 18.06
N ARG A 196 0.95 0.53 17.09
CA ARG A 196 2.41 0.35 17.15
C ARG A 196 3.12 1.68 17.35
N ILE A 197 2.69 2.72 16.64
CA ILE A 197 3.25 4.05 16.79
C ILE A 197 2.95 4.68 18.16
N ARG A 198 1.70 4.56 18.62
CA ARG A 198 1.30 5.16 19.89
C ARG A 198 2.17 4.67 21.05
N TYR A 199 2.50 3.37 21.05
CA TYR A 199 3.32 2.79 22.11
C TYR A 199 4.80 2.56 21.72
N ASN A 200 5.19 3.05 20.54
CA ASN A 200 6.53 2.86 20.00
C ASN A 200 7.00 1.44 20.18
N ARG A 201 6.14 0.50 19.77
CA ARG A 201 6.46 -0.91 19.77
C ARG A 201 6.42 -1.37 18.31
N ARG A 202 7.40 -2.13 17.89
CA ARG A 202 7.33 -2.74 16.58
C ARG A 202 6.90 -4.20 16.79
N SER A 203 6.12 -4.74 15.84
CA SER A 203 5.85 -6.17 15.83
C SER A 203 5.35 -6.60 14.48
N ALA A 204 5.49 -7.88 14.20
CA ALA A 204 5.07 -8.43 12.93
C ALA A 204 3.54 -8.45 12.87
N PRO A 205 2.98 -8.44 11.65
CA PRO A 205 1.52 -8.38 11.55
C PRO A 205 0.88 -9.72 11.95
N ASP A 206 -0.18 -9.68 12.75
CA ASP A 206 -0.86 -10.91 13.16
C ASP A 206 -1.73 -11.44 12.01
N PRO A 207 -2.33 -12.63 12.20
CA PRO A 207 -3.05 -13.23 11.07
C PRO A 207 -4.24 -12.40 10.56
N SER A 208 -4.85 -11.60 11.42
CA SER A 208 -5.97 -10.77 10.98
C SER A 208 -5.49 -9.82 9.87
N VAL A 209 -4.33 -9.20 10.10
CA VAL A 209 -3.72 -8.30 9.12
C VAL A 209 -3.35 -9.00 7.80
N ILE A 210 -2.67 -10.15 7.89
CA ILE A 210 -2.20 -10.81 6.68
C ILE A 210 -3.39 -11.30 5.84
N THR A 211 -4.42 -11.84 6.49
CA THR A 211 -5.55 -12.32 5.72
C THR A 211 -6.35 -11.18 5.09
N LEU A 212 -6.46 -10.03 5.78
CA LEU A 212 -7.05 -8.86 5.12
C LEU A 212 -6.26 -8.53 3.86
N GLU A 213 -4.93 -8.45 3.97
CA GLU A 213 -4.10 -8.12 2.82
C GLU A 213 -4.32 -9.11 1.68
N ASN A 214 -4.29 -10.42 2.01
CA ASN A 214 -4.46 -11.46 0.98
C ASN A 214 -5.84 -11.38 0.33
N SER A 215 -6.84 -10.89 1.06
CA SER A 215 -8.23 -10.93 0.57
C SER A 215 -8.76 -9.60 0.02
N TRP A 216 -7.89 -8.61 -0.18
CA TRP A 216 -8.41 -7.31 -0.61
C TRP A 216 -9.18 -7.36 -1.94
N GLY A 217 -8.62 -8.03 -2.96
CA GLY A 217 -9.32 -8.21 -4.21
C GLY A 217 -10.67 -8.92 -4.08
N ARG A 218 -10.69 -10.03 -3.36
CA ARG A 218 -11.90 -10.81 -3.18
C ARG A 218 -12.94 -9.98 -2.44
N LEU A 219 -12.50 -9.28 -1.39
CA LEU A 219 -13.40 -8.41 -0.63
C LEU A 219 -14.06 -7.38 -1.54
N SER A 220 -13.24 -6.68 -2.32
CA SER A 220 -13.76 -5.66 -3.22
C SER A 220 -14.80 -6.26 -4.18
N THR A 221 -14.52 -7.46 -4.70
CA THR A 221 -15.45 -8.06 -5.66
C THR A 221 -16.74 -8.46 -4.96
N ALA A 222 -16.61 -9.09 -3.79
CA ALA A 222 -17.79 -9.55 -3.06
C ALA A 222 -18.71 -8.38 -2.71
N ILE A 223 -18.13 -7.27 -2.26
CA ILE A 223 -18.91 -6.06 -1.95
C ILE A 223 -19.61 -5.47 -3.19
N GLN A 224 -18.87 -5.28 -4.28
CA GLN A 224 -19.46 -4.67 -5.48
C GLN A 224 -20.42 -5.60 -6.24
N GLU A 225 -20.30 -6.91 -6.00
CA GLU A 225 -21.22 -7.88 -6.61
C GLU A 225 -22.36 -8.30 -5.67
N SER A 226 -22.29 -7.85 -4.43
CA SER A 226 -23.26 -8.24 -3.38
C SER A 226 -24.69 -7.90 -3.78
N ASN A 227 -25.65 -8.66 -3.24
CA ASN A 227 -27.05 -8.31 -3.38
C ASN A 227 -27.46 -7.37 -2.24
N GLN A 228 -27.44 -6.06 -2.51
CA GLN A 228 -27.80 -5.06 -1.51
C GLN A 228 -26.89 -5.13 -0.26
N GLY A 229 -25.63 -5.53 -0.47
CA GLY A 229 -24.69 -5.66 0.64
C GLY A 229 -24.49 -7.10 1.09
N ALA A 230 -25.42 -7.99 0.72
CA ALA A 230 -25.36 -9.39 1.13
C ALA A 230 -24.46 -10.23 0.21
N PHE A 231 -23.51 -10.96 0.78
CA PHE A 231 -22.63 -11.81 -0.01
C PHE A 231 -23.31 -13.13 -0.38
N ALA A 232 -23.34 -13.48 -1.66
CA ALA A 232 -23.87 -14.79 -2.04
C ALA A 232 -23.07 -15.88 -1.34
N SER A 233 -21.75 -15.74 -1.29
CA SER A 233 -20.95 -16.69 -0.51
C SER A 233 -19.97 -16.00 0.46
N PRO A 234 -19.95 -16.48 1.71
CA PRO A 234 -19.18 -15.83 2.77
C PRO A 234 -17.69 -15.80 2.40
N ILE A 235 -16.95 -14.87 2.96
CA ILE A 235 -15.51 -14.89 2.80
C ILE A 235 -14.93 -15.20 4.16
N GLN A 236 -13.95 -16.12 4.20
CA GLN A 236 -13.31 -16.50 5.45
C GLN A 236 -12.12 -15.59 5.76
N LEU A 237 -12.15 -14.93 6.91
CA LEU A 237 -11.00 -14.16 7.37
C LEU A 237 -10.51 -14.77 8.69
N GLN A 238 -9.44 -14.21 9.26
CA GLN A 238 -8.95 -14.72 10.53
C GLN A 238 -8.95 -13.64 11.61
N ARG A 239 -9.15 -14.06 12.85
CA ARG A 239 -8.99 -13.18 14.00
C ARG A 239 -7.51 -13.02 14.33
N ARG A 240 -7.21 -12.09 15.21
CA ARG A 240 -5.88 -11.87 15.72
C ARG A 240 -5.20 -13.15 16.16
N ASN A 241 -5.95 -14.06 16.74
CA ASN A 241 -5.41 -15.34 17.23
C ASN A 241 -5.41 -16.46 16.19
N GLY A 242 -5.72 -16.14 14.94
CA GLY A 242 -5.65 -17.13 13.87
C GLY A 242 -6.93 -17.93 13.62
N SER A 243 -7.84 -17.93 14.59
CA SER A 243 -9.13 -18.59 14.39
C SER A 243 -9.91 -17.87 13.29
N LYS A 244 -10.57 -18.65 12.44
CA LYS A 244 -11.21 -18.14 11.24
C LYS A 244 -12.65 -17.73 11.52
N PHE A 245 -13.15 -16.77 10.76
CA PHE A 245 -14.55 -16.39 10.84
C PHE A 245 -15.08 -15.96 9.47
N SER A 246 -16.38 -16.13 9.27
CA SER A 246 -16.99 -15.87 7.98
C SER A 246 -17.64 -14.49 7.93
N VAL A 247 -17.35 -13.75 6.86
CA VAL A 247 -18.05 -12.50 6.58
C VAL A 247 -19.16 -12.77 5.56
N TYR A 248 -20.38 -12.35 5.89
CA TYR A 248 -21.55 -12.61 5.04
C TYR A 248 -22.11 -11.32 4.46
N ASP A 249 -21.57 -10.18 4.89
CA ASP A 249 -22.22 -8.91 4.60
C ASP A 249 -21.23 -7.75 4.64
N VAL A 250 -21.46 -6.76 3.77
CA VAL A 250 -20.62 -5.57 3.75
C VAL A 250 -20.65 -4.78 5.08
N SER A 251 -21.73 -4.90 5.86
CA SER A 251 -21.92 -4.00 7.01
C SER A 251 -20.72 -4.08 7.96
N ILE A 252 -20.30 -5.31 8.24
CA ILE A 252 -19.23 -5.57 9.19
C ILE A 252 -17.86 -5.11 8.66
N LEU A 253 -17.78 -4.84 7.35
CA LEU A 253 -16.54 -4.42 6.73
C LEU A 253 -16.39 -2.90 6.64
N ILE A 254 -17.50 -2.19 6.84
CA ILE A 254 -17.52 -0.72 6.75
C ILE A 254 -16.43 -0.03 7.60
N PRO A 255 -16.24 -0.49 8.84
CA PRO A 255 -15.15 0.12 9.64
C PRO A 255 -13.81 -0.60 9.48
N ILE A 256 -13.71 -1.51 8.50
CA ILE A 256 -12.49 -2.28 8.27
C ILE A 256 -11.80 -1.84 6.98
N ILE A 257 -12.59 -1.73 5.91
CA ILE A 257 -12.02 -1.42 4.60
C ILE A 257 -12.35 0.02 4.14
N ALA A 258 -11.31 0.75 3.74
CA ALA A 258 -11.43 2.18 3.41
C ALA A 258 -11.55 2.45 1.92
N LEU A 259 -10.92 1.57 1.12
CA LEU A 259 -10.87 1.70 -0.33
C LEU A 259 -11.09 0.34 -0.98
N MET A 260 -11.69 0.30 -2.14
CA MET A 260 -11.78 -0.91 -2.91
C MET A 260 -11.20 -0.73 -4.30
N VAL A 261 -10.70 -1.81 -4.86
CA VAL A 261 -10.27 -1.81 -6.22
C VAL A 261 -11.51 -1.95 -7.08
N TYR A 262 -11.55 -1.26 -8.20
CA TYR A 262 -12.70 -1.26 -9.09
C TYR A 262 -12.99 -2.62 -9.69
N ARG A 263 -14.25 -3.00 -9.69
CA ARG A 263 -14.68 -4.23 -10.32
C ARG A 263 -15.96 -4.01 -11.04
N CYS A 264 -15.94 -3.98 -12.34
CA CYS A 264 -17.17 -3.73 -13.06
C CYS A 264 -17.75 -2.40 -12.68
N ALA A 265 -18.81 -2.06 -13.37
CA ALA A 265 -19.54 -0.86 -13.10
C ALA A 265 -20.37 -1.22 -11.90
N PRO A 266 -20.82 -0.21 -11.20
CA PRO A 266 -21.76 -0.40 -10.11
C PRO A 266 -23.13 -0.46 -10.72
N PRO A 267 -23.91 -1.46 -10.34
CA PRO A 267 -25.26 -1.60 -10.88
C PRO A 267 -26.14 -0.42 -10.48
N PRO A 268 -26.97 0.07 -11.41
CA PRO A 268 -27.82 1.23 -11.12
C PRO A 268 -28.81 0.99 -9.98
C1 0XE B . -20.31 -9.10 -12.68
C2 0XE B . -20.70 -10.32 -12.16
C3 0XE B . -19.77 -11.17 -11.56
C4 0XE B . -18.43 -10.77 -11.48
C5 0XE B . -18.03 -9.54 -12.00
C6 0XE B . -18.97 -8.72 -12.61
C7 0XE B . -16.57 -9.14 -11.95
C8 0XE B . -16.14 -7.89 -12.45
C9 0XE B . -14.71 -7.53 -12.44
O9 0XE B . -14.33 -6.29 -12.91
O12 0XE B . -15.60 -10.07 -11.45
C11 0XE B . -14.22 -9.70 -11.44
C10 0XE B . -13.74 -8.48 -11.90
C17 0XE B . -12.34 -8.24 -11.83
O17 0XE B . -11.83 -7.03 -12.30
C16 0XE B . -11.47 -9.22 -11.31
O16 0XE B . -10.11 -8.98 -11.25
C14 0XE B . -13.35 -10.67 -10.92
C15 0XE B . -11.99 -10.43 -10.85
O18 0XE B . -11.02 -11.20 -10.44
C18 0XE B . -11.33 -12.44 -10.73
O22 0XE B . -12.49 -12.79 -9.87
C22 0XE B . -12.67 -14.12 -9.55
C23 0XE B . -13.65 -14.21 -8.43
O24 0XE B . -13.65 -13.43 -7.44
O23 0XE B . -14.49 -15.09 -8.49
C19 0XE B . -10.13 -13.19 -10.42
O19 0XE B . -9.41 -13.04 -11.58
C20 0XE B . -10.34 -14.61 -10.22
O20 0XE B . -9.17 -15.15 -9.69
C21 0XE B . -11.40 -14.88 -9.26
O21 0XE B . -11.70 -16.23 -9.35
#